data_5UOP
#
_entry.id   5UOP
#
_cell.length_a   158.818
_cell.length_b   158.818
_cell.length_c   123.797
_cell.angle_alpha   90.00
_cell.angle_beta   90.00
_cell.angle_gamma   90.00
#
_symmetry.space_group_name_H-M   'P 41 21 2'
#
loop_
_entity.id
_entity.type
_entity.pdbx_description
1 polymer INTEGRASE
2 polymer 'NUCLEOTIDE PREPROCESSED PFV DONOR DNA (NON-TRANSFERRED STRAND)'
3 polymer 'NUCLEOTIDE PREPROCESSED PFV DONOR DNA (TRANSFERRED STRAND)'
4 non-polymer 'ZINC ION'
5 non-polymer GLYCEROL
6 non-polymer 'MAGNESIUM ION'
7 non-polymer 'SULFATE ION'
8 non-polymer "(1S,2S,5R)-8'-[(3-chloro-4-fluorophenyl)methyl]-2'-[2-(2,5-dioxo-2,5-dihydro-1H-pyrrol-1-yl)ethyl]-6'-hydroxy-9',10'-dihydro-2'H-spiro[bicyclo[3.1.0]hexane-2,3'-imidazo[5,1-a][2,6]naphthyridine]-1',5',7'(8'H)-trione"
9 water water
#
loop_
_entity_poly.entity_id
_entity_poly.type
_entity_poly.pdbx_seq_one_letter_code
_entity_poly.pdbx_strand_id
1 'polypeptide(L)'
;GPGCNTKKPNLDAELDQLLQGHYIKGYPKQYTYFLEDGKVKVSRPEGVKIIPPQSDRQKIVLQAHNLAHTGREATLLKIA
NLYWWPNMRKDVVKQLGRCQQCLITNASNKASGPILRPDRPQKPFDKFFIDYIGPLPPSQGYLYVLVVVDGMTGFTWLYP
TKAPSTSATVKSLNVLTSIAIPKVIHSDQGAAFTSSTFAEWAKERGIHLEFSTPYHPQSSGKVERKNSDIKRLLTKLLVG
RPTKWYDLLPVVQLALNNTYSPVLKYTPHQLLFGIDSNTPFANQDTLDLTREEELSLLQEIRTSLYHPSTPPASSRSWSP
VVGQLVQERVARPASLRPRWHKPSTVLKVLNPRTVVILDHLGNNRTVSIDNLKPTSHQNGTTNDTATMDHLEKNE
;
A,B
2 'polydeoxyribonucleotide' (DA)(DT)(DT)(DG)(DT)(DC)(DA)(DT)(DG)(DG)(DA)(DA)(DT)(DT)(DT)(DC)(DG)(DC)(DA) C
3 'polydeoxyribonucleotide' (DT)(DG)(DC)(DG)(DA)(DA)(DA)(DT)(DT)(DC)(DC)(DA)(DT)(DG)(DA)(DC)(DA) D
#
loop_
_chem_comp.id
_chem_comp.type
_chem_comp.name
_chem_comp.formula
8G4 non-polymer (1S,2S,5R)-8'-[(3-chloro-4-fluorophenyl)methyl]-2'-[2-(2,5-dioxo-2,5-dihydro-1H-pyrrol-1-yl)ethyl]-6'-hydroxy-9',10'-dihydro-2'H-spiro[bicyclo[3.1.0]hexane-2,3'-imidazo[5,1-a][2,6]naphthyridine]-1',5',7'(8'H)-trione 'C28 H24 Cl F N4 O6'
DA DNA linking 2'-DEOXYADENOSINE-5'-MONOPHOSPHATE 'C10 H14 N5 O6 P'
DC DNA linking 2'-DEOXYCYTIDINE-5'-MONOPHOSPHATE 'C9 H14 N3 O7 P'
DG DNA linking 2'-DEOXYGUANOSINE-5'-MONOPHOSPHATE 'C10 H14 N5 O7 P'
DT DNA linking THYMIDINE-5'-MONOPHOSPHATE 'C10 H15 N2 O8 P'
GOL non-polymer GLYCEROL 'C3 H8 O3'
MG non-polymer 'MAGNESIUM ION' 'Mg 2'
SO4 non-polymer 'SULFATE ION' 'O4 S -2'
ZN non-polymer 'ZINC ION' 'Zn 2'
#
# COMPACT_ATOMS: atom_id res chain seq x y z
N LEU A 11 -56.10 -12.49 -23.01
CA LEU A 11 -57.25 -12.44 -22.10
C LEU A 11 -58.49 -11.76 -22.71
N ASP A 12 -59.09 -12.40 -23.75
CA ASP A 12 -60.30 -11.90 -24.44
C ASP A 12 -61.54 -12.17 -23.56
N ALA A 13 -61.44 -13.16 -22.64
CA ALA A 13 -62.50 -13.53 -21.69
C ALA A 13 -62.67 -12.40 -20.68
N GLU A 14 -61.53 -11.89 -20.13
CA GLU A 14 -61.44 -10.79 -19.17
C GLU A 14 -62.07 -9.51 -19.76
N LEU A 15 -61.80 -9.24 -21.05
CA LEU A 15 -62.30 -8.08 -21.79
C LEU A 15 -63.76 -8.20 -22.18
N ASP A 16 -64.30 -9.43 -22.27
CA ASP A 16 -65.70 -9.67 -22.64
C ASP A 16 -66.66 -9.08 -21.60
N GLN A 17 -66.48 -9.44 -20.31
CA GLN A 17 -67.29 -8.98 -19.16
C GLN A 17 -67.30 -7.46 -19.06
N LEU A 18 -66.18 -6.84 -19.48
CA LEU A 18 -65.92 -5.41 -19.49
C LEU A 18 -66.86 -4.71 -20.47
N LEU A 19 -66.93 -5.21 -21.73
CA LEU A 19 -67.78 -4.67 -22.80
C LEU A 19 -69.26 -4.74 -22.41
N GLN A 20 -69.67 -5.84 -21.74
CA GLN A 20 -71.02 -6.10 -21.23
C GLN A 20 -71.39 -4.99 -20.24
N GLY A 21 -70.50 -4.73 -19.29
CA GLY A 21 -70.69 -3.66 -18.30
C GLY A 21 -70.37 -4.03 -16.87
N HIS A 22 -70.06 -5.31 -16.58
CA HIS A 22 -69.76 -5.71 -15.19
C HIS A 22 -68.29 -5.54 -14.82
N TYR A 23 -68.07 -4.92 -13.63
CA TYR A 23 -66.79 -4.56 -13.01
C TYR A 23 -65.73 -5.68 -12.91
N ILE A 24 -64.45 -5.33 -13.28
CA ILE A 24 -63.24 -6.19 -13.21
C ILE A 24 -62.17 -5.42 -12.41
N LYS A 25 -61.52 -6.07 -11.41
CA LYS A 25 -60.48 -5.45 -10.57
C LYS A 25 -59.34 -4.89 -11.39
N GLY A 26 -59.19 -3.57 -11.29
CA GLY A 26 -58.17 -2.81 -12.00
C GLY A 26 -58.74 -1.80 -12.98
N TYR A 27 -59.88 -2.16 -13.63
CA TYR A 27 -60.55 -1.30 -14.61
C TYR A 27 -61.52 -0.35 -13.92
N PRO A 28 -61.21 0.98 -13.87
CA PRO A 28 -62.14 1.93 -13.22
C PRO A 28 -63.54 1.84 -13.81
N LYS A 29 -64.58 1.76 -12.94
CA LYS A 29 -65.97 1.63 -13.37
C LYS A 29 -66.52 2.85 -14.10
N GLN A 30 -66.08 4.06 -13.71
CA GLN A 30 -66.51 5.36 -14.27
C GLN A 30 -66.14 5.61 -15.77
N TYR A 31 -65.52 4.63 -16.43
CA TYR A 31 -65.13 4.78 -17.83
C TYR A 31 -65.96 3.91 -18.77
N THR A 32 -66.15 4.37 -20.01
CA THR A 32 -66.94 3.65 -21.00
C THR A 32 -66.06 2.77 -21.90
N TYR A 33 -66.14 1.45 -21.68
CA TYR A 33 -65.39 0.43 -22.42
C TYR A 33 -66.21 -0.10 -23.60
N PHE A 34 -65.86 0.31 -24.82
CA PHE A 34 -66.57 -0.10 -26.03
C PHE A 34 -65.74 -0.92 -27.01
N LEU A 35 -66.36 -1.38 -28.10
CA LEU A 35 -65.71 -2.14 -29.18
C LEU A 35 -65.78 -1.31 -30.45
N GLU A 36 -64.67 -1.29 -31.20
CA GLU A 36 -64.50 -0.52 -32.44
C GLU A 36 -63.37 -1.20 -33.19
N ASP A 37 -63.45 -1.27 -34.55
CA ASP A 37 -62.44 -1.89 -35.44
C ASP A 37 -61.94 -3.27 -34.96
N GLY A 38 -62.82 -3.98 -34.25
CA GLY A 38 -62.53 -5.30 -33.69
C GLY A 38 -61.53 -5.29 -32.54
N LYS A 39 -61.54 -4.21 -31.72
CA LYS A 39 -60.63 -4.07 -30.57
C LYS A 39 -61.28 -3.28 -29.42
N VAL A 40 -61.07 -3.73 -28.16
CA VAL A 40 -61.64 -3.07 -26.98
C VAL A 40 -60.97 -1.72 -26.80
N LYS A 41 -61.77 -0.64 -26.71
CA LYS A 41 -61.27 0.72 -26.55
C LYS A 41 -61.82 1.31 -25.28
N VAL A 42 -61.26 2.44 -24.84
CA VAL A 42 -61.70 3.14 -23.63
C VAL A 42 -61.51 4.64 -23.82
N SER A 43 -62.54 5.43 -23.48
CA SER A 43 -62.45 6.87 -23.63
C SER A 43 -61.87 7.39 -22.33
N ARG A 44 -60.60 7.78 -22.39
CA ARG A 44 -59.87 8.29 -21.25
C ARG A 44 -59.65 9.78 -21.37
N PRO A 45 -59.35 10.52 -20.27
CA PRO A 45 -59.16 11.98 -20.41
C PRO A 45 -58.17 12.35 -21.51
N GLU A 46 -57.03 11.63 -21.57
CA GLU A 46 -55.96 11.80 -22.55
C GLU A 46 -56.47 11.57 -23.99
N GLY A 47 -57.46 10.68 -24.12
CA GLY A 47 -58.06 10.31 -25.39
C GLY A 47 -58.47 8.86 -25.41
N VAL A 48 -58.95 8.40 -26.57
CA VAL A 48 -59.39 7.02 -26.73
C VAL A 48 -58.17 6.14 -26.93
N LYS A 49 -58.00 5.14 -26.06
CA LYS A 49 -56.88 4.21 -26.12
C LYS A 49 -57.36 2.77 -26.26
N ILE A 50 -56.61 1.94 -26.98
CA ILE A 50 -56.93 0.54 -27.18
C ILE A 50 -56.53 -0.23 -25.91
N ILE A 51 -57.42 -1.10 -25.39
CA ILE A 51 -57.08 -1.92 -24.23
C ILE A 51 -56.69 -3.25 -24.82
N PRO A 52 -55.40 -3.59 -24.91
CA PRO A 52 -55.04 -4.90 -25.47
C PRO A 52 -55.29 -6.02 -24.46
N PRO A 53 -55.56 -7.27 -24.92
CA PRO A 53 -55.76 -8.38 -23.96
C PRO A 53 -54.47 -8.68 -23.20
N GLN A 54 -54.53 -9.13 -21.91
CA GLN A 54 -53.31 -9.42 -21.12
C GLN A 54 -52.29 -10.28 -21.91
N SER A 55 -52.78 -11.19 -22.78
CA SER A 55 -51.96 -12.05 -23.63
C SER A 55 -51.10 -11.32 -24.69
N ASP A 56 -51.37 -10.02 -24.89
CA ASP A 56 -50.67 -9.18 -25.87
C ASP A 56 -49.70 -8.15 -25.28
N ARG A 57 -49.94 -7.71 -24.04
CA ARG A 57 -49.20 -6.68 -23.32
C ARG A 57 -47.69 -6.89 -23.23
N GLN A 58 -47.22 -8.12 -23.01
CA GLN A 58 -45.78 -8.34 -22.96
C GLN A 58 -45.11 -7.94 -24.27
N LYS A 59 -45.67 -8.38 -25.42
CA LYS A 59 -45.15 -8.09 -26.77
C LYS A 59 -45.12 -6.59 -27.02
N ILE A 60 -46.18 -5.87 -26.57
CA ILE A 60 -46.33 -4.41 -26.70
C ILE A 60 -45.21 -3.71 -25.92
N VAL A 61 -45.06 -4.03 -24.61
CA VAL A 61 -44.05 -3.45 -23.72
C VAL A 61 -42.68 -3.65 -24.30
N LEU A 62 -42.41 -4.85 -24.80
CA LEU A 62 -41.15 -5.22 -25.39
C LEU A 62 -40.90 -4.44 -26.69
N GLN A 63 -41.92 -4.30 -27.55
CA GLN A 63 -41.78 -3.57 -28.79
C GLN A 63 -41.44 -2.10 -28.53
N ALA A 64 -42.13 -1.48 -27.53
CA ALA A 64 -41.94 -0.08 -27.17
C ALA A 64 -40.55 0.10 -26.64
N HIS A 65 -40.17 -0.75 -25.67
CA HIS A 65 -38.86 -0.69 -25.07
C HIS A 65 -37.72 -0.84 -26.05
N ASN A 66 -37.83 -1.80 -27.00
CA ASN A 66 -36.76 -2.10 -27.95
C ASN A 66 -36.46 -1.02 -28.99
N LEU A 67 -37.29 0.03 -29.09
CA LEU A 67 -37.07 1.10 -30.07
C LEU A 67 -35.75 1.78 -29.82
N ALA A 68 -35.50 2.23 -28.59
CA ALA A 68 -34.24 2.86 -28.19
C ALA A 68 -33.77 2.30 -26.84
N HIS A 69 -34.26 1.10 -26.46
CA HIS A 69 -33.94 0.44 -25.18
C HIS A 69 -34.06 1.44 -24.03
N THR A 70 -35.22 2.14 -24.02
CA THR A 70 -35.55 3.19 -23.07
C THR A 70 -35.95 2.64 -21.71
N GLY A 71 -35.73 3.46 -20.67
CA GLY A 71 -36.09 3.17 -19.29
C GLY A 71 -37.58 3.24 -19.07
N ARG A 72 -38.02 3.33 -17.80
CA ARG A 72 -39.43 3.33 -17.42
C ARG A 72 -40.32 4.39 -18.08
N GLU A 73 -40.12 5.68 -17.78
CA GLU A 73 -40.97 6.75 -18.31
C GLU A 73 -40.93 6.88 -19.81
N ALA A 74 -39.75 6.85 -20.45
CA ALA A 74 -39.67 6.95 -21.90
C ALA A 74 -40.37 5.78 -22.60
N THR A 75 -40.32 4.54 -22.01
CA THR A 75 -41.03 3.38 -22.57
C THR A 75 -42.53 3.60 -22.32
N LEU A 76 -42.91 4.01 -21.10
CA LEU A 76 -44.32 4.25 -20.84
C LEU A 76 -44.94 5.28 -21.81
N LEU A 77 -44.27 6.45 -22.00
CA LEU A 77 -44.79 7.52 -22.85
C LEU A 77 -45.07 7.05 -24.27
N LYS A 78 -44.26 6.09 -24.79
CA LYS A 78 -44.52 5.53 -26.11
C LYS A 78 -45.78 4.69 -26.08
N ILE A 79 -45.87 3.72 -25.14
CA ILE A 79 -47.02 2.81 -24.99
C ILE A 79 -48.32 3.60 -24.89
N ALA A 80 -48.38 4.54 -23.93
CA ALA A 80 -49.51 5.42 -23.65
C ALA A 80 -50.05 6.19 -24.87
N ASN A 81 -49.29 6.23 -25.98
CA ASN A 81 -49.76 6.92 -27.17
C ASN A 81 -50.89 6.13 -27.84
N LEU A 82 -50.84 4.80 -27.72
CA LEU A 82 -51.80 3.92 -28.33
C LEU A 82 -52.65 3.14 -27.35
N TYR A 83 -52.04 2.67 -26.26
CA TYR A 83 -52.77 1.81 -25.34
C TYR A 83 -53.02 2.32 -23.95
N TRP A 84 -53.82 1.55 -23.22
CA TRP A 84 -54.17 1.72 -21.83
C TRP A 84 -54.54 0.37 -21.28
N TRP A 85 -54.04 0.06 -20.09
CA TRP A 85 -54.34 -1.14 -19.33
C TRP A 85 -53.97 -0.91 -17.86
N PRO A 86 -54.58 -1.64 -16.88
CA PRO A 86 -54.26 -1.35 -15.48
C PRO A 86 -52.82 -1.65 -15.12
N ASN A 87 -52.20 -0.72 -14.36
CA ASN A 87 -50.82 -0.77 -13.87
C ASN A 87 -49.81 -1.08 -14.99
N MET A 88 -49.74 -0.18 -15.98
CA MET A 88 -48.85 -0.26 -17.14
C MET A 88 -47.38 -0.31 -16.75
N ARG A 89 -46.98 0.57 -15.82
CA ARG A 89 -45.59 0.64 -15.38
C ARG A 89 -45.12 -0.64 -14.73
N LYS A 90 -46.00 -1.37 -14.01
CA LYS A 90 -45.63 -2.66 -13.39
C LYS A 90 -45.13 -3.59 -14.52
N ASP A 91 -45.84 -3.55 -15.68
CA ASP A 91 -45.48 -4.33 -16.85
C ASP A 91 -44.24 -3.79 -17.55
N VAL A 92 -44.03 -2.45 -17.53
CA VAL A 92 -42.86 -1.81 -18.13
C VAL A 92 -41.62 -2.25 -17.34
N VAL A 93 -41.69 -2.12 -16.01
CA VAL A 93 -40.63 -2.50 -15.09
C VAL A 93 -40.30 -4.00 -15.20
N LYS A 94 -41.31 -4.90 -15.33
CA LYS A 94 -41.01 -6.34 -15.48
C LYS A 94 -40.09 -6.54 -16.69
N GLN A 95 -40.36 -5.82 -17.81
CA GLN A 95 -39.56 -5.90 -19.03
C GLN A 95 -38.17 -5.34 -18.88
N LEU A 96 -38.05 -4.14 -18.26
CA LEU A 96 -36.75 -3.50 -18.02
C LEU A 96 -35.83 -4.43 -17.22
N GLY A 97 -36.36 -5.05 -16.16
CA GLY A 97 -35.63 -5.97 -15.31
C GLY A 97 -35.19 -7.26 -15.99
N ARG A 98 -35.70 -7.54 -17.21
CA ARG A 98 -35.39 -8.75 -18.00
C ARG A 98 -34.61 -8.45 -19.27
N CYS A 99 -34.29 -7.16 -19.52
CA CYS A 99 -33.53 -6.77 -20.71
C CYS A 99 -32.06 -6.88 -20.33
N GLN A 100 -31.39 -7.94 -20.78
CA GLN A 100 -29.99 -8.13 -20.45
C GLN A 100 -29.15 -6.97 -20.91
N GLN A 101 -29.41 -6.45 -22.13
CA GLN A 101 -28.70 -5.33 -22.73
C GLN A 101 -28.83 -4.09 -21.89
N CYS A 102 -30.00 -3.84 -21.33
CA CYS A 102 -30.11 -2.63 -20.51
C CYS A 102 -29.37 -2.77 -19.23
N LEU A 103 -29.46 -3.95 -18.59
CA LEU A 103 -28.78 -4.22 -17.32
C LEU A 103 -27.24 -4.12 -17.37
N ILE A 104 -26.65 -4.51 -18.49
CA ILE A 104 -25.19 -4.50 -18.59
C ILE A 104 -24.65 -3.20 -19.19
N THR A 105 -25.50 -2.42 -19.90
CA THR A 105 -25.08 -1.16 -20.52
C THR A 105 -25.39 0.09 -19.70
N ASN A 106 -26.56 0.16 -19.07
CA ASN A 106 -26.93 1.34 -18.30
C ASN A 106 -26.04 1.60 -17.09
N ALA A 107 -25.95 2.88 -16.73
CA ALA A 107 -25.17 3.37 -15.60
C ALA A 107 -26.00 3.29 -14.34
N SER A 108 -25.34 3.28 -13.19
CA SER A 108 -26.01 3.26 -11.90
C SER A 108 -26.52 4.68 -11.58
N ASN A 109 -27.44 4.80 -10.67
CA ASN A 109 -27.89 6.13 -10.29
C ASN A 109 -27.97 6.16 -8.77
N LYS A 110 -27.29 5.18 -8.16
CA LYS A 110 -27.18 5.01 -6.71
C LYS A 110 -25.69 5.03 -6.41
N ALA A 111 -25.29 5.95 -5.51
CA ALA A 111 -23.92 6.12 -5.11
C ALA A 111 -23.56 5.08 -4.05
N SER A 112 -22.25 4.76 -3.92
CA SER A 112 -21.74 3.83 -2.90
C SER A 112 -21.98 4.42 -1.50
N GLY A 113 -21.98 3.57 -0.48
CA GLY A 113 -22.14 4.00 0.91
C GLY A 113 -20.92 4.81 1.30
N PRO A 114 -20.93 5.55 2.41
CA PRO A 114 -19.74 6.37 2.76
C PRO A 114 -18.51 5.55 3.09
N ILE A 115 -17.33 6.04 2.68
CA ILE A 115 -16.05 5.36 2.87
C ILE A 115 -15.74 5.05 4.32
N LEU A 116 -14.98 3.98 4.54
CA LEU A 116 -14.49 3.55 5.85
C LEU A 116 -13.17 4.25 6.08
N ARG A 117 -12.85 4.57 7.33
CA ARG A 117 -11.55 5.20 7.62
C ARG A 117 -10.83 4.16 8.49
N PRO A 118 -10.22 3.10 7.90
CA PRO A 118 -9.60 2.05 8.74
C PRO A 118 -8.68 2.60 9.79
N ASP A 119 -8.67 1.98 10.99
CA ASP A 119 -7.81 2.43 12.08
C ASP A 119 -6.34 2.45 11.64
N ARG A 120 -5.61 3.48 12.09
CA ARG A 120 -4.19 3.65 11.78
C ARG A 120 -3.47 2.46 12.41
N PRO A 121 -2.52 1.78 11.72
CA PRO A 121 -1.80 0.67 12.39
C PRO A 121 -1.21 1.19 13.71
N GLN A 122 -1.23 0.38 14.77
CA GLN A 122 -0.78 0.82 16.08
C GLN A 122 0.69 1.15 16.20
N LYS A 123 1.55 0.29 15.69
CA LYS A 123 2.99 0.45 15.79
C LYS A 123 3.67 0.59 14.42
N PRO A 124 4.90 1.17 14.33
CA PRO A 124 5.60 1.13 13.05
C PRO A 124 5.88 -0.35 12.76
N PHE A 125 6.02 -0.69 11.50
CA PHE A 125 6.27 -2.03 10.95
C PHE A 125 5.08 -3.00 11.13
N ASP A 126 3.91 -2.55 11.67
CA ASP A 126 2.73 -3.42 11.76
C ASP A 126 2.20 -3.61 10.34
N LYS A 127 2.15 -2.54 9.52
CA LYS A 127 1.67 -2.64 8.13
C LYS A 127 2.40 -1.73 7.17
N PHE A 128 2.82 -2.28 6.04
CA PHE A 128 3.45 -1.51 4.98
C PHE A 128 2.45 -1.43 3.84
N PHE A 129 2.51 -0.38 3.04
CA PHE A 129 1.68 -0.20 1.85
C PHE A 129 2.71 -0.04 0.74
N ILE A 130 2.61 -0.89 -0.28
CA ILE A 130 3.58 -0.83 -1.36
C ILE A 130 2.84 -0.61 -2.70
N ASP A 131 3.49 0.10 -3.62
CA ASP A 131 2.95 0.40 -4.94
C ASP A 131 4.08 0.88 -5.81
N TYR A 132 3.83 0.91 -7.13
CA TYR A 132 4.76 1.39 -8.14
C TYR A 132 4.24 2.65 -8.81
N ILE A 133 5.15 3.58 -9.09
CA ILE A 133 4.90 4.82 -9.82
C ILE A 133 5.65 4.55 -11.12
N GLY A 134 5.06 4.94 -12.24
CA GLY A 134 5.71 4.76 -13.53
C GLY A 134 4.83 4.20 -14.61
N PRO A 135 5.33 4.11 -15.87
CA PRO A 135 6.66 4.53 -16.33
C PRO A 135 6.85 6.02 -16.21
N LEU A 136 8.07 6.38 -15.87
CA LEU A 136 8.53 7.76 -15.72
C LEU A 136 9.53 8.00 -16.89
N PRO A 137 9.91 9.26 -17.21
CA PRO A 137 10.89 9.44 -18.28
C PRO A 137 12.15 8.63 -17.92
N PRO A 138 12.73 7.80 -18.82
CA PRO A 138 13.91 7.03 -18.41
C PRO A 138 15.02 7.89 -17.84
N SER A 139 15.47 7.49 -16.64
CA SER A 139 16.55 8.14 -15.93
C SER A 139 17.49 7.05 -15.46
N GLN A 140 18.71 7.02 -16.03
CA GLN A 140 19.76 6.05 -15.72
C GLN A 140 19.34 4.59 -16.00
N GLY A 141 18.44 4.41 -16.96
CA GLY A 141 17.92 3.11 -17.34
C GLY A 141 16.70 2.68 -16.54
N TYR A 142 16.34 3.50 -15.52
CA TYR A 142 15.23 3.27 -14.62
C TYR A 142 13.98 3.98 -15.10
N LEU A 143 12.84 3.33 -14.91
CA LEU A 143 11.55 3.83 -15.35
C LEU A 143 10.53 3.87 -14.22
N TYR A 144 10.71 3.05 -13.18
CA TYR A 144 9.73 2.98 -12.11
C TYR A 144 10.30 3.29 -10.73
N VAL A 145 9.40 3.52 -9.75
CA VAL A 145 9.76 3.79 -8.36
C VAL A 145 8.89 2.87 -7.48
N LEU A 146 9.53 2.12 -6.55
CA LEU A 146 8.83 1.25 -5.61
C LEU A 146 8.67 2.11 -4.36
N VAL A 147 7.43 2.35 -3.98
CA VAL A 147 7.10 3.19 -2.84
C VAL A 147 6.61 2.29 -1.72
N VAL A 148 7.30 2.37 -0.58
CA VAL A 148 6.98 1.60 0.60
C VAL A 148 6.64 2.58 1.73
N VAL A 149 5.37 2.58 2.19
CA VAL A 149 4.90 3.47 3.24
C VAL A 149 4.53 2.72 4.51
N ASP A 150 5.19 3.04 5.62
CA ASP A 150 4.80 2.44 6.87
C ASP A 150 3.44 3.08 7.21
N GLY A 151 2.45 2.26 7.54
CA GLY A 151 1.10 2.73 7.84
C GLY A 151 0.99 3.65 9.04
N MET A 152 1.60 3.27 10.17
CA MET A 152 1.55 4.05 11.40
C MET A 152 2.19 5.40 11.23
N THR A 153 3.46 5.41 10.81
CA THR A 153 4.26 6.62 10.68
C THR A 153 4.15 7.41 9.39
N GLY A 154 4.01 6.73 8.26
CA GLY A 154 4.01 7.41 6.98
C GLY A 154 5.42 7.43 6.39
N PHE A 155 6.41 6.93 7.14
CA PHE A 155 7.79 6.86 6.70
C PHE A 155 7.83 6.08 5.39
N THR A 156 8.52 6.64 4.39
CA THR A 156 8.61 6.13 3.04
C THR A 156 10.02 5.81 2.63
N TRP A 157 10.13 4.73 1.88
CA TRP A 157 11.35 4.22 1.30
C TRP A 157 11.08 4.14 -0.19
N LEU A 158 11.96 4.78 -1.00
CA LEU A 158 11.85 4.84 -2.46
C LEU A 158 12.98 4.06 -3.09
N TYR A 159 12.64 3.22 -4.10
CA TYR A 159 13.60 2.39 -4.82
C TYR A 159 13.40 2.49 -6.32
N PRO A 160 14.43 2.91 -7.10
CA PRO A 160 14.25 2.97 -8.56
C PRO A 160 14.30 1.57 -9.18
N THR A 161 13.34 1.26 -10.05
CA THR A 161 13.35 -0.05 -10.70
C THR A 161 13.28 0.10 -12.23
N LYS A 162 13.60 -0.98 -12.96
CA LYS A 162 13.56 -0.98 -14.43
C LYS A 162 12.20 -1.51 -14.92
N ALA A 163 11.38 -2.05 -14.01
CA ALA A 163 10.05 -2.59 -14.28
C ALA A 163 9.28 -2.88 -12.98
N PRO A 164 7.92 -2.88 -12.97
CA PRO A 164 7.19 -3.22 -11.74
C PRO A 164 7.13 -4.76 -11.59
N SER A 165 8.31 -5.38 -11.42
CA SER A 165 8.50 -6.82 -11.33
C SER A 165 8.58 -7.36 -9.91
N THR A 166 8.43 -8.70 -9.78
CA THR A 166 8.54 -9.37 -8.50
C THR A 166 10.01 -9.27 -8.15
N SER A 167 10.90 -9.62 -9.12
CA SER A 167 12.34 -9.57 -8.91
C SER A 167 12.83 -8.26 -8.34
N ALA A 168 12.39 -7.12 -8.91
CA ALA A 168 12.83 -5.80 -8.41
C ALA A 168 12.24 -5.48 -7.03
N THR A 169 10.99 -5.94 -6.74
CA THR A 169 10.34 -5.73 -5.44
C THR A 169 11.12 -6.51 -4.36
N VAL A 170 11.41 -7.79 -4.62
CA VAL A 170 12.16 -8.67 -3.72
C VAL A 170 13.54 -8.06 -3.44
N LYS A 171 14.30 -7.69 -4.50
CA LYS A 171 15.62 -7.08 -4.36
C LYS A 171 15.56 -5.88 -3.40
N SER A 172 14.62 -4.94 -3.65
CA SER A 172 14.40 -3.72 -2.85
C SER A 172 13.97 -4.03 -1.43
N LEU A 173 12.93 -4.87 -1.26
CA LEU A 173 12.40 -5.25 0.04
C LEU A 173 13.44 -5.99 0.90
N ASN A 174 14.39 -6.72 0.30
CA ASN A 174 15.47 -7.37 1.05
C ASN A 174 16.39 -6.32 1.67
N VAL A 175 16.54 -5.15 1.03
CA VAL A 175 17.36 -4.03 1.54
C VAL A 175 16.58 -3.35 2.70
N LEU A 176 15.27 -3.16 2.51
CA LEU A 176 14.41 -2.53 3.51
C LEU A 176 14.35 -3.38 4.75
N THR A 177 13.98 -4.68 4.58
CA THR A 177 13.81 -5.64 5.66
C THR A 177 15.10 -5.91 6.46
N SER A 178 16.23 -5.31 6.08
CA SER A 178 17.47 -5.41 6.86
C SER A 178 17.27 -4.53 8.10
N ILE A 179 16.35 -3.52 8.02
CA ILE A 179 16.10 -2.61 9.14
C ILE A 179 15.17 -3.30 10.11
N ALA A 180 13.98 -3.66 9.63
CA ALA A 180 12.97 -4.34 10.43
C ALA A 180 12.03 -5.10 9.50
N ILE A 181 11.40 -6.15 10.03
CA ILE A 181 10.49 -6.96 9.24
C ILE A 181 9.05 -6.59 9.62
N PRO A 182 8.16 -6.35 8.62
CA PRO A 182 6.78 -5.95 8.94
C PRO A 182 5.83 -7.13 9.23
N LYS A 183 4.74 -6.89 9.96
CA LYS A 183 3.78 -7.98 10.20
C LYS A 183 3.05 -8.29 8.86
N VAL A 184 2.49 -7.25 8.24
CA VAL A 184 1.72 -7.29 6.99
C VAL A 184 2.29 -6.31 5.93
N ILE A 185 2.18 -6.70 4.64
CA ILE A 185 2.50 -5.89 3.49
C ILE A 185 1.19 -5.82 2.68
N HIS A 186 0.60 -4.63 2.60
CA HIS A 186 -0.64 -4.43 1.85
C HIS A 186 -0.24 -3.88 0.48
N SER A 187 -0.81 -4.45 -0.58
CA SER A 187 -0.53 -4.00 -1.92
C SER A 187 -1.78 -4.19 -2.76
N ASP A 188 -1.76 -3.69 -4.02
CA ASP A 188 -2.88 -3.85 -4.95
C ASP A 188 -2.66 -5.21 -5.67
N GLN A 189 -3.44 -5.53 -6.71
CA GLN A 189 -3.27 -6.83 -7.36
C GLN A 189 -2.34 -6.77 -8.61
N GLY A 190 -1.30 -5.96 -8.52
CA GLY A 190 -0.33 -5.87 -9.60
C GLY A 190 0.46 -7.14 -9.76
N ALA A 191 0.78 -7.51 -11.01
CA ALA A 191 1.55 -8.69 -11.39
C ALA A 191 2.72 -8.96 -10.43
N ALA A 192 3.47 -7.90 -10.04
CA ALA A 192 4.63 -7.94 -9.15
C ALA A 192 4.38 -8.50 -7.75
N PHE A 193 3.15 -8.28 -7.21
CA PHE A 193 2.81 -8.64 -5.83
C PHE A 193 1.97 -9.89 -5.67
N THR A 194 1.22 -10.27 -6.72
CA THR A 194 0.33 -11.42 -6.70
C THR A 194 1.05 -12.69 -7.17
N SER A 195 2.30 -12.55 -7.62
CA SER A 195 3.09 -13.69 -8.07
C SER A 195 3.32 -14.69 -6.93
N SER A 196 3.59 -15.96 -7.29
CA SER A 196 3.85 -17.06 -6.35
C SER A 196 5.22 -16.83 -5.71
N THR A 197 6.19 -16.32 -6.49
CA THR A 197 7.57 -15.99 -6.08
C THR A 197 7.56 -14.96 -4.96
N PHE A 198 6.62 -14.01 -5.01
CA PHE A 198 6.50 -12.98 -3.98
C PHE A 198 5.84 -13.58 -2.75
N ALA A 199 4.79 -14.42 -2.91
CA ALA A 199 4.10 -15.08 -1.80
C ALA A 199 5.11 -15.92 -0.99
N GLU A 200 5.99 -16.64 -1.73
CA GLU A 200 7.08 -17.49 -1.24
C GLU A 200 8.07 -16.63 -0.46
N TRP A 201 8.46 -15.48 -1.02
CA TRP A 201 9.38 -14.54 -0.38
C TRP A 201 8.82 -14.05 0.98
N ALA A 202 7.50 -13.79 1.06
CA ALA A 202 6.83 -13.33 2.29
C ALA A 202 6.61 -14.41 3.35
N LYS A 203 6.23 -15.66 2.94
CA LYS A 203 5.97 -16.80 3.84
C LYS A 203 7.27 -17.10 4.56
N GLU A 204 8.35 -17.16 3.76
CA GLU A 204 9.74 -17.37 4.15
C GLU A 204 10.16 -16.43 5.28
N ARG A 205 9.44 -15.28 5.46
CA ARG A 205 9.75 -14.24 6.45
C ARG A 205 8.68 -13.95 7.48
N GLY A 206 7.56 -14.65 7.43
CA GLY A 206 6.50 -14.43 8.40
C GLY A 206 5.68 -13.20 8.13
N ILE A 207 5.88 -12.60 6.94
CA ILE A 207 5.18 -11.39 6.50
C ILE A 207 3.86 -11.87 5.90
N HIS A 208 2.71 -11.29 6.35
CA HIS A 208 1.40 -11.66 5.81
C HIS A 208 1.02 -10.72 4.65
N LEU A 209 0.79 -11.27 3.45
CA LEU A 209 0.39 -10.45 2.31
C LEU A 209 -1.10 -10.20 2.33
N GLU A 210 -1.46 -8.92 2.26
CA GLU A 210 -2.83 -8.44 2.24
C GLU A 210 -2.99 -7.79 0.90
N PHE A 211 -4.13 -8.01 0.23
CA PHE A 211 -4.35 -7.42 -1.08
C PHE A 211 -5.60 -6.57 -1.17
N SER A 212 -5.51 -5.46 -1.89
CA SER A 212 -6.64 -4.56 -2.13
C SER A 212 -7.63 -5.26 -3.04
N THR A 213 -8.92 -4.85 -2.98
CA THR A 213 -9.96 -5.37 -3.87
C THR A 213 -9.51 -4.94 -5.28
N PRO A 214 -9.78 -5.68 -6.36
CA PRO A 214 -9.19 -5.25 -7.66
C PRO A 214 -9.82 -3.97 -8.23
N TYR A 215 -8.97 -3.17 -8.92
CA TYR A 215 -9.29 -1.89 -9.56
C TYR A 215 -9.95 -0.90 -8.59
N HIS A 216 -9.31 -0.73 -7.43
CA HIS A 216 -9.76 0.14 -6.37
C HIS A 216 -8.53 0.69 -5.66
N PRO A 217 -7.83 1.69 -6.26
CA PRO A 217 -6.59 2.19 -5.62
C PRO A 217 -6.79 2.94 -4.30
N GLN A 218 -8.03 3.30 -3.93
CA GLN A 218 -8.33 3.97 -2.67
C GLN A 218 -8.00 3.04 -1.48
N SER A 219 -7.98 1.71 -1.75
CA SER A 219 -7.69 0.69 -0.76
C SER A 219 -6.25 0.79 -0.33
N SER A 220 -5.33 1.12 -1.29
CA SER A 220 -3.91 1.38 -1.07
C SER A 220 -3.71 2.90 -0.82
N GLY A 221 -4.80 3.58 -0.41
CA GLY A 221 -4.85 5.02 -0.13
C GLY A 221 -3.59 5.59 0.51
N LYS A 222 -3.09 4.95 1.56
CA LYS A 222 -1.89 5.34 2.28
C LYS A 222 -0.71 5.58 1.34
N VAL A 223 -0.31 4.58 0.52
CA VAL A 223 0.81 4.71 -0.42
C VAL A 223 0.41 5.60 -1.61
N GLU A 224 -0.81 5.40 -2.17
CA GLU A 224 -1.27 6.19 -3.31
C GLU A 224 -1.10 7.64 -3.02
N ARG A 225 -1.58 8.08 -1.84
CA ARG A 225 -1.46 9.47 -1.43
C ARG A 225 -0.03 9.95 -1.34
N LYS A 226 0.89 9.09 -0.95
CA LYS A 226 2.29 9.43 -0.84
C LYS A 226 2.88 9.53 -2.25
N ASN A 227 2.30 8.78 -3.22
CA ASN A 227 2.73 8.83 -4.62
C ASN A 227 2.58 10.24 -5.15
N SER A 228 1.47 10.90 -4.78
CA SER A 228 1.15 12.28 -5.14
C SER A 228 2.27 13.21 -4.64
N ASP A 229 2.67 13.12 -3.37
CA ASP A 229 3.72 13.97 -2.84
C ASP A 229 5.06 13.78 -3.52
N ILE A 230 5.49 12.52 -3.73
CA ILE A 230 6.74 12.16 -4.41
C ILE A 230 6.78 12.84 -5.79
N LYS A 231 5.69 12.73 -6.56
CA LYS A 231 5.62 13.30 -7.89
C LYS A 231 5.58 14.81 -7.86
N ARG A 232 4.81 15.39 -6.94
CA ARG A 232 4.70 16.85 -6.81
C ARG A 232 6.07 17.44 -6.53
N LEU A 233 6.83 16.85 -5.59
CA LEU A 233 8.18 17.30 -5.23
C LEU A 233 9.19 17.07 -6.35
N LEU A 234 9.15 15.92 -7.03
CA LEU A 234 10.05 15.67 -8.15
C LEU A 234 9.78 16.71 -9.24
N THR A 235 8.49 16.93 -9.57
CA THR A 235 8.06 17.92 -10.54
C THR A 235 8.73 19.26 -10.23
N LYS A 236 8.60 19.77 -8.97
CA LYS A 236 9.12 21.05 -8.51
C LYS A 236 10.62 21.15 -8.67
N LEU A 237 11.33 20.13 -8.18
CA LEU A 237 12.77 20.10 -8.24
C LEU A 237 13.27 19.97 -9.70
N LEU A 238 12.43 19.50 -10.62
CA LEU A 238 12.85 19.34 -12.01
C LEU A 238 12.40 20.48 -12.95
N VAL A 239 11.73 21.53 -12.41
CA VAL A 239 11.29 22.68 -13.20
C VAL A 239 12.52 23.25 -13.89
N GLY A 240 12.37 23.46 -15.20
CA GLY A 240 13.39 24.01 -16.08
C GLY A 240 14.67 23.22 -16.22
N ARG A 241 14.63 21.93 -15.91
CA ARG A 241 15.78 21.04 -16.00
C ARG A 241 15.31 19.77 -16.68
N PRO A 242 16.20 18.95 -17.28
CA PRO A 242 15.73 17.66 -17.84
C PRO A 242 15.25 16.77 -16.69
N THR A 243 14.26 15.91 -16.96
CA THR A 243 13.66 15.00 -15.96
C THR A 243 14.60 13.87 -15.48
N LYS A 244 15.73 14.23 -14.83
CA LYS A 244 16.71 13.29 -14.27
C LYS A 244 16.33 13.03 -12.79
N TRP A 245 15.26 12.26 -12.57
CA TRP A 245 14.73 11.93 -11.24
C TRP A 245 15.53 10.91 -10.44
N TYR A 246 16.31 10.02 -11.08
CA TYR A 246 17.06 8.98 -10.38
C TYR A 246 17.91 9.48 -9.21
N ASP A 247 18.64 10.60 -9.42
CA ASP A 247 19.47 11.15 -8.36
C ASP A 247 18.67 11.93 -7.31
N LEU A 248 17.40 12.23 -7.59
CA LEU A 248 16.57 12.96 -6.66
C LEU A 248 15.84 12.04 -5.66
N LEU A 249 15.58 10.76 -6.01
CA LEU A 249 14.90 9.82 -5.11
C LEU A 249 15.38 9.90 -3.65
N PRO A 250 16.72 9.84 -3.34
CA PRO A 250 17.15 9.94 -1.94
C PRO A 250 16.79 11.28 -1.30
N VAL A 251 17.00 12.40 -2.02
CA VAL A 251 16.68 13.76 -1.61
C VAL A 251 15.19 13.86 -1.31
N VAL A 252 14.33 13.35 -2.21
CA VAL A 252 12.89 13.37 -2.05
C VAL A 252 12.48 12.54 -0.81
N GLN A 253 13.01 11.29 -0.69
CA GLN A 253 12.73 10.41 0.45
C GLN A 253 12.99 11.12 1.76
N LEU A 254 14.19 11.68 1.92
CA LEU A 254 14.58 12.40 3.12
C LEU A 254 13.70 13.62 3.32
N ALA A 255 13.47 14.40 2.24
CA ALA A 255 12.65 15.60 2.29
C ALA A 255 11.26 15.32 2.85
N LEU A 256 10.58 14.31 2.29
CA LEU A 256 9.23 13.92 2.68
C LEU A 256 9.13 13.28 4.05
N ASN A 257 10.07 12.39 4.40
CA ASN A 257 10.07 11.72 5.70
C ASN A 257 10.26 12.71 6.84
N ASN A 258 10.81 13.91 6.54
CA ASN A 258 11.05 14.96 7.53
C ASN A 258 10.10 16.15 7.41
N THR A 259 8.98 16.00 6.66
CA THR A 259 7.96 17.02 6.43
C THR A 259 6.78 16.89 7.37
N TYR A 260 6.39 18.02 7.99
CA TYR A 260 5.26 18.08 8.91
C TYR A 260 3.94 17.78 8.28
N SER A 261 3.11 17.01 8.99
CA SER A 261 1.75 16.74 8.54
C SER A 261 0.99 17.77 9.39
N PRO A 262 0.49 18.91 8.81
CA PRO A 262 -0.18 19.94 9.61
C PRO A 262 -1.25 19.45 10.61
N VAL A 263 -1.98 18.37 10.27
CA VAL A 263 -3.01 17.82 11.16
C VAL A 263 -2.40 17.07 12.36
N LEU A 264 -1.24 16.40 12.16
CA LEU A 264 -0.61 15.64 13.23
C LEU A 264 0.35 16.48 14.01
N LYS A 265 1.02 17.44 13.36
CA LYS A 265 2.04 18.31 13.96
C LYS A 265 3.31 17.48 14.25
N TYR A 266 3.54 16.47 13.39
CA TYR A 266 4.65 15.52 13.42
C TYR A 266 5.03 15.12 12.03
N THR A 267 6.28 14.76 11.86
CA THR A 267 6.84 14.32 10.59
C THR A 267 6.93 12.79 10.66
N PRO A 268 6.91 12.07 9.52
CA PRO A 268 7.03 10.60 9.59
C PRO A 268 8.29 10.12 10.35
N HIS A 269 9.39 10.91 10.29
CA HIS A 269 10.65 10.61 10.99
C HIS A 269 10.38 10.62 12.51
N GLN A 270 9.82 11.72 13.02
CA GLN A 270 9.45 11.87 14.41
C GLN A 270 8.54 10.75 14.90
N LEU A 271 7.53 10.32 14.11
CA LEU A 271 6.65 9.23 14.53
C LEU A 271 7.41 7.90 14.55
N LEU A 272 8.43 7.72 13.67
CA LEU A 272 9.21 6.47 13.67
C LEU A 272 10.27 6.39 14.79
N PHE A 273 11.05 7.47 15.01
CA PHE A 273 12.16 7.52 15.97
C PHE A 273 11.96 8.36 17.26
N GLY A 274 11.01 9.27 17.27
CA GLY A 274 10.78 10.12 18.43
C GLY A 274 11.86 11.16 18.65
N ILE A 275 12.68 11.41 17.61
CA ILE A 275 13.80 12.34 17.64
C ILE A 275 14.24 12.67 16.23
N ASP A 276 14.42 13.97 15.93
CA ASP A 276 14.90 14.37 14.60
C ASP A 276 16.39 14.02 14.49
N SER A 277 16.88 13.74 13.28
CA SER A 277 18.30 13.45 13.13
C SER A 277 18.93 14.79 12.78
N ASN A 278 20.19 14.80 12.35
CA ASN A 278 20.90 16.02 11.98
C ASN A 278 20.42 16.58 10.63
N THR A 279 19.15 16.95 10.56
CA THR A 279 18.57 17.53 9.35
C THR A 279 18.22 18.99 9.67
N PRO A 280 18.05 19.87 8.65
CA PRO A 280 17.74 21.26 8.95
C PRO A 280 16.51 21.47 9.81
N PHE A 281 16.57 22.45 10.72
CA PHE A 281 15.47 22.81 11.62
C PHE A 281 15.03 21.65 12.47
N ALA A 282 16.00 20.83 12.93
CA ALA A 282 15.71 19.68 13.78
C ALA A 282 15.09 20.21 15.09
N ASN A 283 13.97 19.59 15.52
CA ASN A 283 13.26 19.95 16.74
C ASN A 283 14.14 19.61 17.96
N GLN A 284 14.32 20.57 18.87
CA GLN A 284 15.19 20.36 20.04
C GLN A 284 14.43 20.10 21.36
N ASP A 285 13.11 20.19 21.34
CA ASP A 285 12.20 20.03 22.48
C ASP A 285 12.48 18.89 23.51
N THR A 286 13.12 17.78 23.15
CA THR A 286 13.35 16.72 24.14
C THR A 286 14.82 16.55 24.52
N LEU A 287 15.63 17.59 24.34
CA LEU A 287 17.07 17.55 24.60
C LEU A 287 17.46 17.12 25.99
N ASP A 288 16.71 17.59 27.01
CA ASP A 288 16.98 17.28 28.41
C ASP A 288 16.35 15.97 28.89
N LEU A 289 15.52 15.32 28.05
CA LEU A 289 14.89 14.05 28.39
C LEU A 289 15.85 12.92 28.12
N THR A 290 15.72 11.80 28.82
CA THR A 290 16.58 10.65 28.56
C THR A 290 15.93 9.95 27.37
N ARG A 291 16.63 9.04 26.71
CA ARG A 291 16.00 8.33 25.60
C ARG A 291 14.75 7.60 26.08
N GLU A 292 14.74 7.12 27.35
CA GLU A 292 13.60 6.42 27.94
C GLU A 292 12.44 7.35 28.15
N GLU A 293 12.70 8.56 28.70
CA GLU A 293 11.67 9.58 28.92
C GLU A 293 11.08 9.99 27.54
N GLU A 294 11.95 10.09 26.53
CA GLU A 294 11.64 10.44 25.14
C GLU A 294 10.77 9.34 24.48
N LEU A 295 11.15 8.04 24.66
CA LEU A 295 10.45 6.88 24.10
C LEU A 295 9.08 6.68 24.72
N SER A 296 8.91 7.16 25.95
CA SER A 296 7.70 7.09 26.73
C SER A 296 6.72 8.12 26.14
N LEU A 297 7.20 9.35 25.90
CA LEU A 297 6.44 10.44 25.30
C LEU A 297 6.03 10.06 23.86
N LEU A 298 6.90 9.35 23.12
CA LEU A 298 6.63 8.90 21.75
C LEU A 298 5.45 7.91 21.73
N GLN A 299 5.43 6.96 22.70
CA GLN A 299 4.37 5.96 22.83
C GLN A 299 3.05 6.64 23.07
N GLU A 300 3.07 7.77 23.81
CA GLU A 300 1.90 8.61 24.11
C GLU A 300 1.45 9.42 22.86
N ILE A 301 2.39 9.93 22.06
CA ILE A 301 2.10 10.68 20.84
C ILE A 301 1.41 9.79 19.81
N ARG A 302 1.98 8.58 19.60
CA ARG A 302 1.49 7.59 18.65
C ARG A 302 0.05 7.17 18.91
N THR A 303 -0.39 7.16 20.17
CA THR A 303 -1.75 6.75 20.52
C THR A 303 -2.75 7.88 20.39
N SER A 304 -2.32 9.13 20.66
CA SER A 304 -3.19 10.30 20.60
C SER A 304 -3.34 10.98 19.20
N LEU A 305 -2.86 10.34 18.09
CA LEU A 305 -2.96 10.94 16.75
C LEU A 305 -4.41 10.99 16.24
N TYR A 306 -4.74 12.08 15.54
CA TYR A 306 -6.07 12.32 14.97
C TYR A 306 -6.50 11.20 14.08
N HIS A 307 -7.74 10.74 14.28
CA HIS A 307 -8.29 9.73 13.42
C HIS A 307 -9.57 10.21 12.79
N PRO A 308 -9.60 10.30 11.44
CA PRO A 308 -10.82 10.76 10.75
C PRO A 308 -12.00 9.80 10.91
N SER A 309 -13.20 10.37 10.83
CA SER A 309 -14.42 9.57 10.95
C SER A 309 -15.06 9.41 9.55
N THR A 310 -15.91 8.36 9.39
CA THR A 310 -16.63 8.13 8.12
C THR A 310 -17.51 9.37 7.82
N PRO A 311 -17.51 9.85 6.56
CA PRO A 311 -18.32 11.02 6.23
C PRO A 311 -19.82 10.69 6.14
N PRO A 312 -20.69 11.72 6.06
CA PRO A 312 -22.12 11.43 5.92
C PRO A 312 -22.39 10.75 4.57
N ALA A 313 -23.30 9.75 4.57
CA ALA A 313 -23.71 9.01 3.37
C ALA A 313 -24.41 9.99 2.45
N SER A 314 -24.27 9.83 1.12
CA SER A 314 -24.95 10.74 0.21
C SER A 314 -26.44 10.41 0.21
N SER A 315 -27.27 11.39 -0.18
CA SER A 315 -28.74 11.22 -0.20
C SER A 315 -29.22 9.94 -0.87
N ARG A 316 -28.52 9.51 -1.92
CA ARG A 316 -28.94 8.33 -2.67
C ARG A 316 -27.89 7.25 -2.75
N SER A 317 -27.44 6.79 -1.57
CA SER A 317 -26.44 5.75 -1.45
C SER A 317 -27.09 4.37 -1.33
N TRP A 318 -26.34 3.32 -1.60
CA TRP A 318 -26.81 1.95 -1.50
C TRP A 318 -25.78 1.16 -0.73
N SER A 319 -26.23 0.26 0.16
CA SER A 319 -25.31 -0.58 0.92
C SER A 319 -25.63 -2.06 0.65
N PRO A 320 -24.59 -2.93 0.54
CA PRO A 320 -24.84 -4.34 0.17
C PRO A 320 -25.52 -5.19 1.22
N VAL A 321 -26.34 -6.11 0.74
CA VAL A 321 -27.14 -7.06 1.50
C VAL A 321 -26.90 -8.47 0.92
N VAL A 322 -26.69 -9.47 1.80
CA VAL A 322 -26.46 -10.86 1.38
C VAL A 322 -27.67 -11.33 0.55
N GLY A 323 -27.39 -11.89 -0.63
CA GLY A 323 -28.43 -12.38 -1.54
C GLY A 323 -28.88 -11.38 -2.59
N GLN A 324 -28.49 -10.09 -2.42
CA GLN A 324 -28.78 -8.98 -3.34
C GLN A 324 -28.11 -9.26 -4.67
N LEU A 325 -28.83 -8.97 -5.74
CA LEU A 325 -28.40 -9.09 -7.13
C LEU A 325 -27.67 -7.75 -7.39
N VAL A 326 -26.40 -7.88 -7.68
CA VAL A 326 -25.44 -6.82 -7.82
C VAL A 326 -24.61 -7.06 -9.07
N GLN A 327 -24.03 -6.03 -9.72
CA GLN A 327 -23.24 -6.25 -10.94
C GLN A 327 -21.85 -5.63 -10.87
N GLU A 328 -20.84 -6.40 -11.22
CA GLU A 328 -19.45 -5.94 -11.22
C GLU A 328 -19.15 -5.12 -12.45
N ARG A 329 -18.29 -4.11 -12.29
CA ARG A 329 -17.92 -3.24 -13.39
C ARG A 329 -16.92 -3.90 -14.29
N VAL A 330 -17.10 -3.82 -15.62
CA VAL A 330 -16.12 -4.42 -16.56
C VAL A 330 -14.85 -3.56 -16.42
N ALA A 331 -13.70 -4.22 -16.18
CA ALA A 331 -12.39 -3.60 -15.97
C ALA A 331 -11.90 -2.75 -17.13
N ARG A 332 -11.62 -3.37 -18.28
CA ARG A 332 -11.13 -2.58 -19.42
C ARG A 332 -12.13 -2.78 -20.56
N PRO A 333 -13.31 -2.13 -20.48
CA PRO A 333 -14.32 -2.36 -21.49
C PRO A 333 -13.87 -1.92 -22.85
N ALA A 334 -14.04 -2.80 -23.83
CA ALA A 334 -13.68 -2.52 -25.20
C ALA A 334 -14.65 -1.44 -25.75
N SER A 335 -14.24 -0.79 -26.84
CA SER A 335 -15.03 0.23 -27.48
C SER A 335 -16.36 -0.36 -27.87
N LEU A 336 -17.46 0.33 -27.53
CA LEU A 336 -18.83 -0.06 -27.85
C LEU A 336 -19.28 -1.34 -27.15
N ARG A 337 -18.68 -1.66 -26.00
CA ARG A 337 -19.03 -2.86 -25.24
C ARG A 337 -19.56 -2.47 -23.85
N PRO A 338 -20.40 -3.30 -23.20
CA PRO A 338 -20.94 -2.93 -21.89
C PRO A 338 -19.93 -2.66 -20.78
N ARG A 339 -20.25 -1.67 -19.96
CA ARG A 339 -19.43 -1.23 -18.85
C ARG A 339 -19.70 -2.12 -17.62
N TRP A 340 -20.70 -3.02 -17.70
CA TRP A 340 -21.03 -3.92 -16.58
C TRP A 340 -21.09 -5.40 -16.94
N HIS A 341 -20.82 -6.24 -15.94
CA HIS A 341 -20.88 -7.69 -16.02
C HIS A 341 -22.33 -8.07 -15.73
N LYS A 342 -22.68 -9.36 -15.98
CA LYS A 342 -24.03 -9.86 -15.73
C LYS A 342 -24.30 -9.90 -14.22
N PRO A 343 -25.57 -9.86 -13.79
CA PRO A 343 -25.85 -9.91 -12.34
C PRO A 343 -25.15 -11.06 -11.58
N SER A 344 -24.83 -10.79 -10.29
CA SER A 344 -24.13 -11.65 -9.34
C SER A 344 -24.86 -11.64 -8.01
N THR A 345 -24.58 -12.63 -7.17
CA THR A 345 -25.24 -12.63 -5.87
C THR A 345 -24.21 -12.35 -4.81
N VAL A 346 -24.57 -11.49 -3.86
CA VAL A 346 -23.74 -11.11 -2.73
C VAL A 346 -23.70 -12.31 -1.75
N LEU A 347 -22.55 -13.01 -1.64
CA LEU A 347 -22.39 -14.16 -0.73
C LEU A 347 -22.22 -13.68 0.71
N LYS A 348 -21.24 -12.79 0.96
CA LYS A 348 -20.95 -12.26 2.29
C LYS A 348 -20.65 -10.78 2.20
N VAL A 349 -21.14 -10.01 3.19
CA VAL A 349 -20.89 -8.58 3.34
C VAL A 349 -19.71 -8.50 4.36
N LEU A 350 -18.44 -8.49 3.87
CA LEU A 350 -17.22 -8.43 4.70
C LEU A 350 -17.20 -7.23 5.65
N ASN A 351 -17.67 -6.08 5.15
CA ASN A 351 -17.85 -4.77 5.80
C ASN A 351 -18.79 -3.97 4.90
N PRO A 352 -19.31 -2.77 5.26
CA PRO A 352 -20.25 -2.10 4.36
C PRO A 352 -19.68 -1.62 2.99
N ARG A 353 -18.36 -1.72 2.77
CA ARG A 353 -17.70 -1.27 1.55
C ARG A 353 -17.05 -2.38 0.73
N THR A 354 -16.87 -3.57 1.36
CA THR A 354 -16.26 -4.76 0.75
C THR A 354 -17.25 -5.90 0.77
N VAL A 355 -17.29 -6.64 -0.33
CA VAL A 355 -18.24 -7.71 -0.46
C VAL A 355 -17.69 -8.92 -1.20
N VAL A 356 -18.30 -10.10 -0.97
CA VAL A 356 -17.94 -11.36 -1.65
C VAL A 356 -19.09 -11.64 -2.61
N ILE A 357 -18.77 -11.84 -3.87
CA ILE A 357 -19.80 -12.12 -4.86
C ILE A 357 -19.55 -13.42 -5.60
N LEU A 358 -20.64 -14.03 -6.07
CA LEU A 358 -20.63 -15.23 -6.85
C LEU A 358 -21.23 -14.84 -8.19
N ASP A 359 -20.41 -14.82 -9.25
CA ASP A 359 -20.88 -14.49 -10.59
C ASP A 359 -21.65 -15.69 -11.22
N HIS A 360 -22.02 -15.63 -12.52
CA HIS A 360 -22.73 -16.73 -13.18
C HIS A 360 -21.80 -17.98 -13.38
N LEU A 361 -20.47 -17.75 -13.58
CA LEU A 361 -19.43 -18.78 -13.77
C LEU A 361 -19.34 -19.72 -12.55
N GLY A 362 -19.42 -19.15 -11.36
CA GLY A 362 -19.32 -19.88 -10.11
C GLY A 362 -18.08 -19.52 -9.33
N ASN A 363 -17.53 -18.33 -9.60
CA ASN A 363 -16.33 -17.84 -8.95
C ASN A 363 -16.61 -16.87 -7.83
N ASN A 364 -15.81 -17.01 -6.76
CA ASN A 364 -15.88 -16.19 -5.58
C ASN A 364 -14.94 -15.03 -5.80
N ARG A 365 -15.46 -13.79 -5.67
CA ARG A 365 -14.65 -12.59 -5.87
C ARG A 365 -14.89 -11.64 -4.73
N THR A 366 -13.82 -11.05 -4.18
CA THR A 366 -13.90 -10.06 -3.11
C THR A 366 -13.74 -8.70 -3.82
N VAL A 367 -14.85 -7.98 -3.94
CA VAL A 367 -14.85 -6.72 -4.65
C VAL A 367 -15.23 -5.54 -3.78
N SER A 368 -14.94 -4.31 -4.25
CA SER A 368 -15.29 -3.06 -3.56
C SER A 368 -16.67 -2.67 -4.05
N ILE A 369 -17.50 -2.00 -3.23
CA ILE A 369 -18.83 -1.62 -3.68
C ILE A 369 -18.74 -0.50 -4.73
N ASP A 370 -17.55 0.14 -4.84
CA ASP A 370 -17.27 1.18 -5.83
C ASP A 370 -17.26 0.57 -7.24
N ASN A 371 -16.93 -0.74 -7.35
CA ASN A 371 -16.92 -1.46 -8.59
C ASN A 371 -18.16 -2.30 -8.78
N LEU A 372 -19.23 -1.94 -8.06
CA LEU A 372 -20.53 -2.62 -8.13
C LEU A 372 -21.69 -1.65 -8.31
N LYS A 373 -22.81 -2.15 -8.84
CA LYS A 373 -24.06 -1.41 -8.94
C LYS A 373 -25.17 -2.39 -8.54
N PRO A 374 -26.19 -1.99 -7.77
CA PRO A 374 -27.25 -2.94 -7.47
C PRO A 374 -28.15 -3.10 -8.69
N THR A 375 -28.30 -4.34 -9.21
CA THR A 375 -29.16 -4.63 -10.38
C THR A 375 -30.56 -4.01 -10.20
N SER A 376 -30.97 -3.14 -11.15
CA SER A 376 -32.24 -2.42 -11.13
C SER A 376 -33.43 -3.31 -11.34
N HIS A 377 -34.59 -2.83 -10.84
CA HIS A 377 -35.90 -3.48 -10.96
C HIS A 377 -35.89 -4.89 -10.34
N GLN A 378 -35.09 -5.10 -9.27
CA GLN A 378 -34.87 -6.34 -8.50
C GLN A 378 -34.43 -7.50 -9.39
N ASP B 119 25.09 18.20 31.46
CA ASP B 119 25.24 17.63 30.12
C ASP B 119 23.99 16.84 29.67
N ARG B 120 23.57 17.08 28.39
CA ARG B 120 22.41 16.48 27.73
C ARG B 120 22.57 14.95 27.54
N PRO B 121 21.50 14.15 27.81
CA PRO B 121 21.61 12.68 27.65
C PRO B 121 21.87 12.18 26.23
N GLN B 122 22.58 11.05 26.12
CA GLN B 122 22.92 10.39 24.86
C GLN B 122 21.63 10.06 24.05
N LYS B 123 21.64 10.33 22.74
CA LYS B 123 20.50 10.08 21.88
C LYS B 123 20.89 9.38 20.56
N PRO B 124 19.92 8.77 19.82
CA PRO B 124 20.28 8.17 18.53
C PRO B 124 20.66 9.30 17.58
N PHE B 125 21.49 8.99 16.57
CA PHE B 125 21.96 9.95 15.53
C PHE B 125 22.98 10.96 16.07
N ASP B 126 23.38 10.84 17.35
CA ASP B 126 24.36 11.73 17.95
C ASP B 126 25.75 11.40 17.41
N LYS B 127 26.04 10.11 17.23
CA LYS B 127 27.33 9.66 16.75
C LYS B 127 27.21 8.32 16.02
N PHE B 128 27.67 8.25 14.78
CA PHE B 128 27.68 6.99 14.04
C PHE B 128 29.14 6.55 14.00
N PHE B 129 29.43 5.30 14.34
CA PHE B 129 30.80 4.80 14.31
C PHE B 129 30.90 3.98 13.05
N ILE B 130 31.74 4.41 12.12
CA ILE B 130 31.91 3.69 10.84
C ILE B 130 33.27 3.00 10.77
N ASP B 131 33.36 1.86 10.07
CA ASP B 131 34.61 1.12 9.89
C ASP B 131 34.44 0.11 8.79
N TYR B 132 35.56 -0.39 8.22
CA TYR B 132 35.50 -1.39 7.16
C TYR B 132 35.96 -2.74 7.67
N ILE B 133 35.24 -3.80 7.25
CA ILE B 133 35.52 -5.20 7.53
C ILE B 133 35.92 -5.79 6.17
N GLY B 134 37.10 -6.40 6.11
CA GLY B 134 37.60 -7.00 4.88
C GLY B 134 39.06 -6.73 4.56
N PRO B 135 39.56 -7.20 3.38
CA PRO B 135 38.84 -7.92 2.32
C PRO B 135 38.33 -9.30 2.74
N LEU B 136 37.11 -9.61 2.32
CA LEU B 136 36.41 -10.86 2.57
C LEU B 136 36.44 -11.68 1.27
N PRO B 137 36.09 -12.99 1.26
CA PRO B 137 36.09 -13.72 -0.02
C PRO B 137 35.03 -13.05 -0.90
N PRO B 138 35.28 -12.86 -2.21
CA PRO B 138 34.28 -12.17 -3.03
C PRO B 138 32.91 -12.83 -3.04
N SER B 139 31.87 -12.02 -2.81
CA SER B 139 30.47 -12.44 -2.84
C SER B 139 29.70 -11.42 -3.66
N GLN B 140 29.17 -11.86 -4.80
CA GLN B 140 28.42 -11.03 -5.76
C GLN B 140 29.25 -9.81 -6.20
N GLY B 141 30.57 -10.02 -6.32
CA GLY B 141 31.53 -8.99 -6.72
C GLY B 141 32.02 -8.10 -5.60
N TYR B 142 31.36 -8.19 -4.41
CA TYR B 142 31.67 -7.39 -3.21
C TYR B 142 32.78 -8.04 -2.39
N LEU B 143 33.63 -7.22 -1.75
CA LEU B 143 34.76 -7.70 -0.94
C LEU B 143 34.83 -7.12 0.48
N TYR B 144 34.15 -6.00 0.73
CA TYR B 144 34.18 -5.35 2.03
C TYR B 144 32.79 -5.09 2.58
N VAL B 145 32.72 -4.75 3.87
CA VAL B 145 31.48 -4.40 4.54
C VAL B 145 31.77 -3.13 5.27
N LEU B 146 31.02 -2.07 5.01
CA LEU B 146 31.18 -0.83 5.76
C LEU B 146 30.21 -1.04 6.94
N VAL B 147 30.68 -0.81 8.15
CA VAL B 147 29.91 -1.03 9.36
C VAL B 147 29.57 0.30 9.99
N VAL B 148 28.27 0.57 10.16
CA VAL B 148 27.80 1.79 10.80
C VAL B 148 27.05 1.37 12.06
N VAL B 149 27.46 1.90 13.21
CA VAL B 149 26.86 1.60 14.50
C VAL B 149 26.45 2.90 15.16
N ASP B 150 25.16 3.02 15.51
CA ASP B 150 24.73 4.22 16.20
C ASP B 150 25.28 4.08 17.65
N GLY B 151 25.94 5.13 18.12
CA GLY B 151 26.55 5.19 19.44
C GLY B 151 25.63 4.92 20.60
N MET B 152 24.48 5.61 20.65
CA MET B 152 23.51 5.47 21.73
C MET B 152 22.78 4.10 21.75
N THR B 153 22.00 3.78 20.71
CA THR B 153 21.21 2.56 20.61
C THR B 153 22.02 1.30 20.31
N GLY B 154 23.18 1.45 19.67
CA GLY B 154 23.96 0.30 19.27
C GLY B 154 23.43 -0.32 17.98
N PHE B 155 22.49 0.38 17.26
CA PHE B 155 21.92 -0.12 16.00
C PHE B 155 22.99 -0.21 14.93
N THR B 156 22.97 -1.30 14.12
CA THR B 156 23.94 -1.57 13.08
C THR B 156 23.36 -1.59 11.67
N TRP B 157 24.05 -0.91 10.75
CA TRP B 157 23.76 -0.86 9.34
C TRP B 157 25.04 -1.39 8.67
N LEU B 158 24.90 -2.38 7.76
CA LEU B 158 26.01 -3.00 7.04
C LEU B 158 25.84 -2.77 5.51
N TYR B 159 26.83 -2.14 4.87
CA TYR B 159 26.75 -1.93 3.43
C TYR B 159 27.93 -2.61 2.78
N PRO B 160 27.68 -3.50 1.79
CA PRO B 160 28.82 -4.12 1.10
C PRO B 160 29.39 -3.17 0.04
N THR B 161 30.72 -3.06 -0.02
CA THR B 161 31.42 -2.23 -1.00
C THR B 161 32.37 -3.12 -1.78
N LYS B 162 32.92 -2.60 -2.87
CA LYS B 162 33.88 -3.37 -3.67
C LYS B 162 35.32 -2.97 -3.32
N ALA B 163 35.47 -1.90 -2.49
CA ALA B 163 36.74 -1.33 -2.07
C ALA B 163 36.59 -0.46 -0.79
N PRO B 164 37.65 -0.28 0.01
CA PRO B 164 37.54 0.60 1.18
C PRO B 164 37.91 2.03 0.77
N SER B 165 37.27 2.54 -0.28
CA SER B 165 37.53 3.84 -0.87
C SER B 165 36.53 4.89 -0.43
N THR B 166 36.84 6.19 -0.69
CA THR B 166 35.96 7.30 -0.38
C THR B 166 34.70 7.18 -1.22
N SER B 167 34.84 6.88 -2.52
CA SER B 167 33.66 6.79 -3.38
C SER B 167 32.71 5.70 -2.90
N ALA B 168 33.23 4.53 -2.49
CA ALA B 168 32.38 3.44 -2.01
C ALA B 168 31.74 3.79 -0.66
N THR B 169 32.47 4.58 0.17
CA THR B 169 31.98 5.03 1.47
C THR B 169 30.85 6.03 1.22
N VAL B 170 31.06 7.01 0.31
CA VAL B 170 30.08 8.03 -0.07
C VAL B 170 28.85 7.37 -0.72
N LYS B 171 29.05 6.36 -1.59
CA LYS B 171 27.92 5.69 -2.24
C LYS B 171 27.05 5.01 -1.19
N SER B 172 27.69 4.33 -0.21
CA SER B 172 27.02 3.62 0.87
C SER B 172 26.37 4.53 1.86
N LEU B 173 27.10 5.52 2.38
CA LEU B 173 26.56 6.47 3.35
C LEU B 173 25.47 7.34 2.77
N ASN B 174 25.44 7.54 1.44
CA ASN B 174 24.39 8.35 0.80
C ASN B 174 23.05 7.65 0.93
N VAL B 175 23.07 6.31 1.02
CA VAL B 175 21.89 5.49 1.20
C VAL B 175 21.45 5.69 2.64
N LEU B 176 22.36 5.45 3.61
CA LEU B 176 22.05 5.62 5.01
C LEU B 176 21.58 7.04 5.34
N THR B 177 22.30 8.08 4.88
CA THR B 177 21.97 9.47 5.18
C THR B 177 20.68 9.94 4.49
N SER B 178 19.91 9.02 3.88
CA SER B 178 18.61 9.30 3.25
C SER B 178 17.51 8.85 4.20
N ILE B 179 17.91 8.16 5.29
CA ILE B 179 17.05 7.67 6.35
C ILE B 179 17.25 8.57 7.54
N ALA B 180 18.50 8.81 7.95
CA ALA B 180 18.84 9.66 9.09
C ALA B 180 20.27 10.17 8.98
N ILE B 181 20.48 11.41 9.39
CA ILE B 181 21.80 12.02 9.34
C ILE B 181 22.40 12.11 10.76
N PRO B 182 23.62 11.57 10.99
CA PRO B 182 24.20 11.68 12.31
C PRO B 182 24.80 13.06 12.48
N LYS B 183 24.93 13.56 13.72
CA LYS B 183 25.56 14.85 14.01
C LYS B 183 27.08 14.67 13.85
N VAL B 184 27.58 13.48 14.25
CA VAL B 184 29.01 13.14 14.21
C VAL B 184 29.23 11.74 13.63
N ILE B 185 30.25 11.61 12.78
CA ILE B 185 30.68 10.32 12.24
C ILE B 185 32.04 10.10 12.92
N HIS B 186 32.27 8.90 13.49
CA HIS B 186 33.53 8.55 14.15
C HIS B 186 34.14 7.37 13.44
N SER B 187 35.41 7.52 13.11
CA SER B 187 36.18 6.50 12.40
C SER B 187 37.63 6.59 12.81
N ASP B 188 38.40 5.58 12.37
CA ASP B 188 39.85 5.54 12.57
C ASP B 188 40.46 6.44 11.46
N GLN B 189 41.80 6.49 11.36
CA GLN B 189 42.47 7.33 10.35
C GLN B 189 42.63 6.62 9.00
N GLY B 190 41.69 5.75 8.63
CA GLY B 190 41.68 5.05 7.35
C GLY B 190 41.64 6.06 6.21
N ALA B 191 42.32 5.74 5.09
CA ALA B 191 42.42 6.61 3.90
C ALA B 191 41.09 7.12 3.41
N ALA B 192 40.08 6.20 3.32
CA ALA B 192 38.74 6.52 2.87
C ALA B 192 38.06 7.56 3.73
N PHE B 193 38.41 7.66 5.01
CA PHE B 193 37.74 8.61 5.90
C PHE B 193 38.50 9.89 6.10
N THR B 194 39.81 9.88 5.84
CA THR B 194 40.67 11.07 6.03
C THR B 194 40.80 11.92 4.78
N SER B 195 40.37 11.41 3.60
CA SER B 195 40.39 12.09 2.32
C SER B 195 39.61 13.39 2.36
N SER B 196 40.02 14.37 1.53
CA SER B 196 39.37 15.69 1.46
C SER B 196 37.99 15.58 0.80
N THR B 197 37.78 14.53 -0.01
CA THR B 197 36.50 14.28 -0.66
C THR B 197 35.51 13.91 0.43
N PHE B 198 35.90 12.97 1.34
CA PHE B 198 35.02 12.58 2.43
C PHE B 198 34.75 13.77 3.35
N ALA B 199 35.76 14.62 3.58
CA ALA B 199 35.58 15.81 4.42
C ALA B 199 34.58 16.80 3.78
N GLU B 200 34.62 16.95 2.42
CA GLU B 200 33.70 17.84 1.69
C GLU B 200 32.27 17.29 1.78
N TRP B 201 32.09 15.95 1.57
CA TRP B 201 30.79 15.27 1.67
C TRP B 201 30.11 15.54 3.02
N ALA B 202 30.85 15.35 4.13
CA ALA B 202 30.34 15.57 5.48
C ALA B 202 30.04 17.03 5.72
N LYS B 203 30.89 17.95 5.22
CA LYS B 203 30.67 19.39 5.41
C LYS B 203 29.33 19.79 4.80
N GLU B 204 29.03 19.25 3.58
CA GLU B 204 27.80 19.50 2.85
C GLU B 204 26.58 19.05 3.66
N ARG B 205 26.70 17.94 4.42
CA ARG B 205 25.59 17.40 5.19
C ARG B 205 25.50 17.89 6.63
N GLY B 206 26.44 18.75 7.03
CA GLY B 206 26.51 19.30 8.37
C GLY B 206 26.91 18.26 9.40
N ILE B 207 27.66 17.22 8.97
CA ILE B 207 28.15 16.11 9.78
C ILE B 207 29.57 16.43 10.24
N HIS B 208 29.83 16.40 11.56
CA HIS B 208 31.18 16.65 12.02
C HIS B 208 31.97 15.35 11.99
N LEU B 209 33.16 15.36 11.37
CA LEU B 209 34.00 14.17 11.34
C LEU B 209 34.87 14.11 12.61
N GLU B 210 35.11 12.89 13.11
CA GLU B 210 35.86 12.64 14.34
C GLU B 210 36.73 11.43 14.16
N PHE B 211 37.98 11.60 14.54
CA PHE B 211 38.96 10.56 14.39
C PHE B 211 39.60 10.11 15.67
N SER B 212 39.87 8.82 15.74
CA SER B 212 40.56 8.19 16.84
C SER B 212 42.08 8.43 16.53
N THR B 213 42.95 8.47 17.57
CA THR B 213 44.40 8.68 17.40
C THR B 213 45.01 7.51 16.57
N PRO B 214 45.90 7.73 15.56
CA PRO B 214 46.44 6.58 14.82
C PRO B 214 47.02 5.50 15.75
N TYR B 215 46.71 4.21 15.43
CA TYR B 215 47.11 2.98 16.12
C TYR B 215 46.39 2.75 17.48
N HIS B 216 45.62 3.76 17.96
CA HIS B 216 44.85 3.76 19.22
C HIS B 216 43.33 3.90 18.92
N PRO B 217 42.66 2.79 18.47
CA PRO B 217 41.24 2.88 18.12
C PRO B 217 40.26 2.86 19.29
N GLN B 218 39.81 4.06 19.69
CA GLN B 218 38.85 4.24 20.77
C GLN B 218 37.49 4.62 20.18
N SER B 219 36.43 3.97 20.66
CA SER B 219 35.06 4.22 20.25
C SER B 219 34.23 4.44 21.54
N SER B 220 33.62 3.36 22.08
CA SER B 220 32.83 3.29 23.32
C SER B 220 32.71 1.80 23.67
N GLY B 221 32.47 1.49 24.95
CA GLY B 221 32.31 0.12 25.42
C GLY B 221 31.31 -0.65 24.61
N LYS B 222 30.06 -0.12 24.55
CA LYS B 222 28.93 -0.66 23.80
C LYS B 222 29.30 -0.92 22.33
N VAL B 223 29.93 0.08 21.69
CA VAL B 223 30.34 0.04 20.28
C VAL B 223 31.46 -1.02 20.05
N GLU B 224 32.57 -0.96 20.86
CA GLU B 224 33.68 -1.91 20.79
C GLU B 224 33.12 -3.33 20.87
N ARG B 225 32.22 -3.58 21.85
CA ARG B 225 31.52 -4.85 22.06
C ARG B 225 30.70 -5.21 20.83
N LYS B 226 29.88 -4.25 20.29
CA LYS B 226 29.06 -4.50 19.10
C LYS B 226 29.90 -4.90 17.89
N ASN B 227 30.95 -4.14 17.58
CA ASN B 227 31.87 -4.41 16.46
C ASN B 227 32.52 -5.79 16.59
N SER B 228 32.69 -6.28 17.85
CA SER B 228 33.24 -7.61 18.17
C SER B 228 32.21 -8.65 17.74
N ASP B 229 30.93 -8.49 18.17
CA ASP B 229 29.84 -9.40 17.82
C ASP B 229 29.73 -9.48 16.29
N ILE B 230 29.86 -8.31 15.58
CA ILE B 230 29.77 -8.21 14.11
C ILE B 230 30.86 -9.05 13.46
N LYS B 231 32.13 -8.79 13.82
CA LYS B 231 33.29 -9.51 13.28
C LYS B 231 33.14 -11.05 13.51
N ARG B 232 32.64 -11.46 14.70
CA ARG B 232 32.43 -12.86 15.08
C ARG B 232 31.25 -13.53 14.39
N LEU B 233 30.10 -12.83 14.30
CA LEU B 233 28.88 -13.34 13.65
C LEU B 233 29.13 -13.54 12.16
N LEU B 234 29.87 -12.62 11.53
CA LEU B 234 30.24 -12.69 10.13
C LEU B 234 31.12 -13.93 9.94
N THR B 235 32.19 -14.07 10.77
CA THR B 235 33.15 -15.19 10.75
C THR B 235 32.44 -16.54 10.87
N LYS B 236 31.49 -16.64 11.81
CA LYS B 236 30.70 -17.83 12.08
C LYS B 236 29.97 -18.29 10.83
N LEU B 237 29.27 -17.37 10.15
CA LEU B 237 28.50 -17.68 8.96
C LEU B 237 29.34 -17.78 7.67
N LEU B 238 30.52 -17.10 7.61
CA LEU B 238 31.45 -17.17 6.47
C LEU B 238 31.86 -18.65 6.27
N VAL B 239 32.29 -19.33 7.37
CA VAL B 239 32.69 -20.75 7.43
C VAL B 239 31.55 -21.59 6.80
N GLY B 240 31.87 -22.29 5.70
CA GLY B 240 30.90 -23.11 4.98
C GLY B 240 30.40 -22.48 3.69
N ARG B 241 30.01 -21.20 3.75
CA ARG B 241 29.50 -20.41 2.60
C ARG B 241 30.27 -19.05 2.52
N PRO B 242 31.61 -19.06 2.28
CA PRO B 242 32.36 -17.78 2.27
C PRO B 242 32.08 -16.86 1.07
N THR B 243 31.30 -17.36 0.12
CA THR B 243 30.95 -16.65 -1.09
C THR B 243 29.45 -16.31 -1.14
N LYS B 244 28.68 -16.61 -0.07
CA LYS B 244 27.24 -16.34 -0.03
C LYS B 244 26.81 -15.24 0.98
N TRP B 245 27.79 -14.56 1.62
CA TRP B 245 27.53 -13.54 2.64
C TRP B 245 26.77 -12.28 2.20
N TYR B 246 26.70 -12.00 0.89
CA TYR B 246 25.98 -10.83 0.38
C TYR B 246 24.50 -10.91 0.74
N ASP B 247 23.90 -12.08 0.52
CA ASP B 247 22.49 -12.34 0.78
C ASP B 247 22.17 -12.42 2.26
N LEU B 248 23.19 -12.73 3.08
CA LEU B 248 23.04 -12.88 4.52
C LEU B 248 23.09 -11.58 5.31
N LEU B 249 23.66 -10.50 4.73
CA LEU B 249 23.73 -9.20 5.42
C LEU B 249 22.37 -8.78 6.02
N PRO B 250 21.18 -8.93 5.36
CA PRO B 250 19.92 -8.57 6.04
C PRO B 250 19.63 -9.41 7.30
N VAL B 251 19.92 -10.75 7.28
CA VAL B 251 19.65 -11.58 8.45
C VAL B 251 20.65 -11.28 9.58
N VAL B 252 21.93 -11.01 9.22
CA VAL B 252 23.01 -10.68 10.16
C VAL B 252 22.61 -9.39 10.87
N GLN B 253 22.12 -8.39 10.13
CA GLN B 253 21.69 -7.11 10.66
C GLN B 253 20.51 -7.25 11.62
N LEU B 254 19.51 -8.06 11.27
CA LEU B 254 18.34 -8.27 12.12
C LEU B 254 18.77 -8.96 13.38
N ALA B 255 19.70 -9.95 13.27
CA ALA B 255 20.26 -10.68 14.41
C ALA B 255 20.89 -9.67 15.35
N LEU B 256 21.87 -8.90 14.85
CA LEU B 256 22.57 -7.88 15.61
C LEU B 256 21.67 -6.88 16.27
N ASN B 257 20.58 -6.46 15.60
CA ASN B 257 19.69 -5.42 16.12
C ASN B 257 18.57 -5.92 17.03
N ASN B 258 18.42 -7.23 17.15
CA ASN B 258 17.41 -7.82 18.03
C ASN B 258 18.12 -8.67 19.09
N THR B 259 19.35 -8.24 19.41
CA THR B 259 20.27 -8.83 20.36
C THR B 259 20.20 -7.97 21.62
N TYR B 260 19.67 -8.56 22.71
CA TYR B 260 19.49 -7.93 24.03
C TYR B 260 20.79 -7.36 24.60
N SER B 261 20.74 -6.09 25.07
CA SER B 261 21.87 -5.39 25.69
C SER B 261 21.81 -5.59 27.23
N PRO B 262 22.77 -6.39 27.78
CA PRO B 262 22.79 -6.63 29.23
C PRO B 262 22.89 -5.38 30.10
N VAL B 263 23.61 -4.35 29.59
CA VAL B 263 23.82 -3.09 30.28
C VAL B 263 22.60 -2.15 30.18
N LEU B 264 21.84 -2.17 29.05
CA LEU B 264 20.71 -1.24 28.85
C LEU B 264 19.30 -1.84 29.03
N LYS B 265 19.16 -3.20 29.08
CA LYS B 265 17.86 -3.88 29.25
C LYS B 265 17.05 -3.99 27.93
N TYR B 266 17.42 -3.17 26.91
CA TYR B 266 16.71 -3.16 25.64
C TYR B 266 17.61 -3.49 24.50
N THR B 267 17.04 -3.97 23.36
CA THR B 267 17.80 -4.29 22.15
C THR B 267 17.96 -2.98 21.32
N PRO B 268 18.88 -2.90 20.33
CA PRO B 268 18.99 -1.66 19.53
C PRO B 268 17.71 -1.32 18.76
N HIS B 269 16.88 -2.31 18.41
CA HIS B 269 15.61 -2.08 17.73
C HIS B 269 14.67 -1.33 18.67
N GLN B 270 14.65 -1.72 19.95
CA GLN B 270 13.77 -1.09 20.92
C GLN B 270 14.20 0.33 21.19
N LEU B 271 15.49 0.56 21.36
CA LEU B 271 16.03 1.88 21.63
C LEU B 271 15.80 2.89 20.49
N LEU B 272 15.82 2.39 19.25
CA LEU B 272 15.65 3.23 18.07
C LEU B 272 14.19 3.54 17.72
N PHE B 273 13.30 2.53 17.80
CA PHE B 273 11.91 2.65 17.43
C PHE B 273 10.92 2.77 18.58
N GLY B 274 11.31 2.34 19.79
CA GLY B 274 10.46 2.40 20.98
C GLY B 274 9.28 1.46 20.95
N ILE B 275 9.53 0.27 20.38
CA ILE B 275 8.58 -0.85 20.21
C ILE B 275 9.39 -2.16 20.19
N ASP B 276 8.67 -3.30 20.34
CA ASP B 276 9.25 -4.64 20.27
C ASP B 276 9.34 -4.94 18.78
N SER B 277 10.20 -5.86 18.37
CA SER B 277 10.34 -6.18 16.96
C SER B 277 9.49 -7.38 16.56
N ASN B 278 9.13 -7.52 15.29
CA ASN B 278 8.35 -8.70 14.86
C ASN B 278 9.26 -9.91 14.64
N THR B 279 10.57 -9.71 14.77
CA THR B 279 11.59 -10.74 14.63
C THR B 279 12.46 -10.71 15.87
N PRO B 280 11.98 -11.25 17.01
CA PRO B 280 12.81 -11.27 18.22
C PRO B 280 13.80 -12.45 18.13
N PHE B 281 15.08 -12.19 18.37
CA PHE B 281 16.08 -13.25 18.26
C PHE B 281 16.37 -13.78 19.65
N ALA B 282 15.37 -14.53 20.17
CA ALA B 282 15.35 -15.15 21.49
C ALA B 282 16.44 -16.25 21.62
N ASN B 283 16.74 -16.96 20.50
CA ASN B 283 17.76 -17.99 20.46
C ASN B 283 19.19 -17.37 20.46
N GLN B 284 19.76 -17.21 21.68
CA GLN B 284 21.10 -16.65 21.87
C GLN B 284 22.10 -17.75 21.47
N ASP B 285 22.54 -17.72 20.18
CA ASP B 285 23.47 -18.67 19.58
C ASP B 285 24.91 -18.57 20.14
N THR B 286 25.73 -19.63 19.89
CA THR B 286 27.13 -19.77 20.33
C THR B 286 28.04 -18.60 19.96
N LEU B 287 28.07 -18.22 18.65
CA LEU B 287 28.90 -17.17 18.05
C LEU B 287 30.37 -17.62 18.00
N ASP B 288 30.71 -18.62 18.85
CA ASP B 288 32.00 -19.28 18.98
C ASP B 288 31.96 -20.46 18.01
N LEU B 289 33.04 -20.65 17.26
CA LEU B 289 33.17 -21.72 16.26
C LEU B 289 33.25 -23.13 16.88
N THR B 290 32.51 -24.11 16.29
CA THR B 290 32.49 -25.52 16.72
C THR B 290 33.80 -26.17 16.26
N ARG B 291 34.25 -27.27 16.91
CA ARG B 291 35.50 -27.96 16.52
C ARG B 291 35.49 -28.38 15.03
N GLU B 292 34.27 -28.64 14.50
CA GLU B 292 33.99 -29.00 13.12
C GLU B 292 34.19 -27.77 12.21
N GLU B 293 33.67 -26.58 12.65
CA GLU B 293 33.79 -25.29 11.95
C GLU B 293 35.24 -24.79 11.97
N GLU B 294 35.99 -25.08 13.06
CA GLU B 294 37.40 -24.72 13.27
C GLU B 294 38.28 -25.40 12.22
N LEU B 295 38.11 -26.74 12.07
CA LEU B 295 38.83 -27.57 11.12
C LEU B 295 38.47 -27.20 9.68
N SER B 296 37.19 -26.86 9.43
CA SER B 296 36.66 -26.43 8.13
C SER B 296 37.19 -25.04 7.77
N LEU B 297 37.38 -24.16 8.80
CA LEU B 297 37.89 -22.79 8.65
C LEU B 297 39.39 -22.82 8.37
N LEU B 298 40.14 -23.72 9.07
CA LEU B 298 41.58 -23.88 8.87
C LEU B 298 41.90 -24.60 7.54
N GLN B 299 40.85 -25.23 6.92
CA GLN B 299 40.93 -25.94 5.63
C GLN B 299 40.83 -24.92 4.48
N GLU B 300 40.01 -23.86 4.67
CA GLU B 300 39.79 -22.75 3.72
C GLU B 300 41.08 -21.94 3.57
N ILE B 301 41.81 -21.75 4.70
CA ILE B 301 43.10 -21.04 4.78
C ILE B 301 44.19 -22.01 4.26
N ARG B 302 44.17 -22.23 2.91
CA ARG B 302 45.07 -23.11 2.17
C ARG B 302 45.19 -22.64 0.70
ZN ZN E . -33.35 -2.76 -23.16
C1 GOL F . 10.55 -11.32 -13.64
O1 GOL F . 11.32 -10.18 -13.32
C2 GOL F . 9.63 -11.69 -12.50
O2 GOL F . 8.84 -10.56 -12.14
C3 GOL F . 10.42 -12.20 -11.31
O3 GOL F . 9.74 -13.25 -10.63
C1 GOL G . 19.62 10.27 -16.06
O1 GOL G . 20.29 11.52 -16.01
C2 GOL G . 19.41 9.84 -17.49
O2 GOL G . 20.64 9.84 -18.21
C3 GOL G . 18.36 10.64 -18.23
O3 GOL G . 18.18 11.95 -17.69
MG MG H . -0.15 -0.07 -8.37
MG MG I . -0.92 3.44 -7.52
S SO4 J . -15.51 3.91 -26.09
O1 SO4 J . -16.21 4.76 -25.11
O2 SO4 J . -14.58 3.00 -25.41
O3 SO4 J . -16.51 3.13 -26.83
O4 SO4 J . -14.75 4.74 -27.04
S SO4 K . -20.29 -11.32 -18.27
O1 SO4 K . -20.61 -11.35 -16.85
O2 SO4 K . -18.97 -10.74 -18.46
O3 SO4 K . -21.29 -10.54 -19.01
O4 SO4 K . -20.27 -12.68 -18.83
C1 GOL L . 2.29 0.86 -13.20
O1 GOL L . 2.27 -0.54 -12.92
C2 GOL L . 1.02 1.52 -12.73
O2 GOL L . 0.89 1.36 -11.33
C3 GOL L . 0.87 3.00 -13.07
O3 GOL L . -0.41 3.51 -12.73
F 8G4 M . -8.42 7.30 -6.11
CL 8G4 M . -6.06 6.39 -4.66
C1 8G4 M . -3.19 3.98 -9.40
N1 8G4 M . -2.89 0.18 -11.34
O1 8G4 M . -1.30 -0.46 -9.83
C2 8G4 M . -3.13 2.69 -10.08
N2 8G4 M . -3.91 -0.71 -13.10
O2 8G4 M . -5.28 1.04 -13.68
C3 8G4 M . -3.91 2.36 -11.26
N3 8G4 M . -3.68 0.00 -15.92
C4 8G4 M . -4.79 3.44 -11.83
C5 8G4 M . -3.76 1.14 -11.80
C6 8G4 M . -2.09 0.38 -10.23
C7 8G4 M . -2.25 1.67 -9.60
C8 8G4 M . -2.87 -1.10 -12.11
C10 8G4 M . -4.35 -1.62 -14.16
C11 8G4 M . -3.63 -1.40 -15.49
C12 8G4 M . -2.63 0.90 -15.76
C25 8G4 M . -7.38 7.03 -6.92
C24 8G4 M . -7.53 7.17 -8.27
C23 8G4 M . -6.44 6.91 -9.09
C26 8G4 M . -6.19 6.62 -6.37
C27 8G4 M . -5.11 6.38 -7.19
C22 8G4 M . -5.23 6.51 -8.57
C21 8G4 M . -4.06 6.25 -9.49
N 8G4 M . -4.01 4.87 -9.99
O5 8G4 M . -2.56 4.25 -8.39
O 8G4 M . -1.50 1.85 -8.49
C19 8G4 M . -3.22 -2.23 -11.10
C20 8G4 M . -3.61 -3.63 -11.44
C18 8G4 M . -2.18 -3.30 -11.24
C17 8G4 M . -1.36 -2.98 -12.49
C16 8G4 M . -1.48 -1.46 -12.67
C9 8G4 M . -4.42 0.55 -12.96
C 8G4 M . -5.18 4.44 -10.75
C15 8G4 M . -4.80 0.57 -16.53
O3 8G4 M . -5.86 -0.03 -16.73
C14 8G4 M . -4.48 2.00 -16.84
C13 8G4 M . -3.07 2.22 -16.32
O4 8G4 M . -1.56 0.62 -15.24
S SO4 N . 26.22 -3.86 25.51
O1 SO4 N . 25.04 -4.31 26.23
O2 SO4 N . 27.33 -4.70 25.90
O3 SO4 N . 26.41 -2.46 25.85
O4 SO4 N . 26.00 -4.00 24.05
C1 GOL O . 10.39 -1.26 24.23
O1 GOL O . 9.08 -1.78 24.46
C2 GOL O . 10.54 0.08 24.89
O2 GOL O . 9.72 1.05 24.24
C3 GOL O . 11.97 0.59 24.94
O3 GOL O . 12.10 1.65 25.88
MG MG P . 39.87 0.32 13.52
C1 GOL Q . -7.64 16.01 7.52
O1 GOL Q . -7.67 14.61 7.25
C2 GOL Q . -6.36 16.64 7.04
O2 GOL Q . -6.21 16.44 5.63
C3 GOL Q . -6.37 18.13 7.36
O3 GOL Q . -5.11 18.74 7.08
#